data_7NDS
#
_entry.id   7NDS
#
_cell.length_a   69.250
_cell.length_b   150.060
_cell.length_c   58.570
_cell.angle_alpha   90.000
_cell.angle_beta   90.000
_cell.angle_gamma   90.000
#
_symmetry.space_group_name_H-M   'C 2 2 21'
#
loop_
_entity.id
_entity.type
_entity.pdbx_description
1 polymer 'Tripartite tricarboxylate transporter substrate binding protein'
2 non-polymer 'terephthalic acid'
3 water water
#
_entity_poly.entity_id   1
_entity_poly.type   'polypeptide(L)'
_entity_poly.pdbx_seq_one_letter_code
;MGSSHHHHHHGSGENLYFQSNQPLKIVVPFSAGGTADVLPRLVAEKIRADYAGGVIIENKPGAGGNIGADLVFRAPPDGM
TVLASPPGPIAINHNLYQKLSFDPTRWVPVTILATVPNVLVINPKLPVKSLGEFIAYAKANPKKVTVATQGDGSTSHLTA
AMFMQLTGTELTVIPYKGTAPALIDLIGGNVDVFFDNISSSATYHQAGKVRILAVADEQRSQILPQVPTFAEQQWPAMQA
VTFFSVVAPPGTSAEIAQKLQKQMALALSSNDIRKHFQEQGAVPCGWDPSKTAQFIRQETEKWKKVLKAANVKL
;
_entity_poly.pdbx_strand_id   A
#
loop_
_chem_comp.id
_chem_comp.type
_chem_comp.name
_chem_comp.formula
UB7 non-polymer 'terephthalic acid' 'C8 H6 O4'
#
# COMPACT_ATOMS: atom_id res chain seq x y z
N SER A 20 24.34 16.19 -9.91
CA SER A 20 23.70 16.53 -11.16
C SER A 20 22.67 17.64 -10.95
N ASN A 21 22.57 18.54 -11.93
CA ASN A 21 21.57 19.61 -11.88
C ASN A 21 20.16 19.11 -12.13
N GLN A 22 20.00 17.85 -12.56
CA GLN A 22 18.68 17.27 -12.68
C GLN A 22 18.13 16.92 -11.30
N PRO A 23 16.81 16.99 -11.13
CA PRO A 23 16.22 16.53 -9.86
C PRO A 23 16.00 15.04 -9.83
N LEU A 24 16.02 14.48 -8.63
CA LEU A 24 15.61 13.10 -8.43
C LEU A 24 14.10 13.02 -8.57
N LYS A 25 13.63 12.17 -9.49
CA LYS A 25 12.21 12.04 -9.78
C LYS A 25 11.70 10.75 -9.15
N ILE A 26 10.93 10.88 -8.08
CA ILE A 26 10.30 9.75 -7.40
C ILE A 26 8.87 9.68 -7.90
N VAL A 27 8.54 8.61 -8.62
CA VAL A 27 7.21 8.41 -9.18
C VAL A 27 6.40 7.56 -8.22
N VAL A 28 5.28 8.10 -7.75
CA VAL A 28 4.30 7.36 -6.97
C VAL A 28 3.12 7.06 -7.89
N PRO A 29 2.90 5.79 -8.27
CA PRO A 29 1.88 5.51 -9.28
C PRO A 29 0.48 5.36 -8.68
N PHE A 30 0.17 6.24 -7.74
CA PHE A 30 -1.14 6.28 -7.12
C PHE A 30 -1.47 7.73 -6.80
N SER A 31 -2.77 8.00 -6.63
CA SER A 31 -3.20 9.35 -6.33
C SER A 31 -2.49 9.90 -5.10
N ALA A 32 -2.19 11.19 -5.12
CA ALA A 32 -1.63 11.84 -3.96
C ALA A 32 -2.67 11.90 -2.85
N GLY A 33 -2.19 11.89 -1.60
CA GLY A 33 -3.04 11.96 -0.43
C GLY A 33 -3.08 10.69 0.39
N GLY A 34 -2.58 9.57 -0.13
CA GLY A 34 -2.55 8.32 0.60
C GLY A 34 -1.16 8.01 1.14
N THR A 35 -1.07 6.83 1.77
CA THR A 35 0.20 6.42 2.35
C THR A 35 1.27 6.23 1.28
N ALA A 36 0.89 5.69 0.12
CA ALA A 36 1.84 5.52 -0.97
C ALA A 36 2.51 6.84 -1.33
N ASP A 37 1.79 7.95 -1.18
CA ASP A 37 2.34 9.26 -1.49
C ASP A 37 3.12 9.86 -0.31
N VAL A 38 2.58 9.76 0.89
CA VAL A 38 3.11 10.56 1.99
C VAL A 38 4.45 10.01 2.48
N LEU A 39 4.66 8.69 2.43
CA LEU A 39 5.91 8.15 2.98
C LEU A 39 7.10 8.55 2.12
N PRO A 40 7.11 8.36 0.80
CA PRO A 40 8.22 8.90 0.00
C PRO A 40 8.30 10.42 0.08
N ARG A 41 7.17 11.10 0.23
CA ARG A 41 7.19 12.56 0.32
C ARG A 41 7.91 13.02 1.58
N LEU A 42 7.64 12.37 2.72
CA LEU A 42 8.36 12.69 3.94
C LEU A 42 9.85 12.42 3.78
N VAL A 43 10.21 11.29 3.18
CA VAL A 43 11.61 10.96 2.99
C VAL A 43 12.25 11.89 1.97
N ALA A 44 11.52 12.20 0.89
CA ALA A 44 12.05 13.10 -0.14
C ALA A 44 12.55 14.41 0.47
N GLU A 45 11.81 14.94 1.45
CA GLU A 45 12.20 16.21 2.05
C GLU A 45 13.54 16.08 2.79
N LYS A 46 13.81 14.91 3.37
CA LYS A 46 15.05 14.73 4.11
C LYS A 46 16.27 14.57 3.22
N ILE A 47 16.09 14.16 1.97
CA ILE A 47 17.22 13.87 1.10
C ILE A 47 17.37 14.93 0.00
N ARG A 48 16.72 16.09 0.15
CA ARG A 48 16.82 17.11 -0.89
C ARG A 48 18.23 17.69 -0.96
N ALA A 49 18.89 17.84 0.18
CA ALA A 49 20.25 18.38 0.19
C ALA A 49 21.24 17.49 -0.55
N ASP A 50 20.86 16.25 -0.87
CA ASP A 50 21.74 15.33 -1.58
C ASP A 50 21.77 15.56 -3.08
N TYR A 51 20.85 16.35 -3.62
CA TYR A 51 20.68 16.52 -5.06
C TYR A 51 20.64 18.00 -5.40
N ALA A 52 21.55 18.43 -6.28
CA ALA A 52 21.60 19.83 -6.66
C ALA A 52 20.28 20.27 -7.29
N GLY A 53 19.65 19.38 -8.04
CA GLY A 53 18.38 19.71 -8.69
C GLY A 53 17.15 19.53 -7.83
N GLY A 54 17.31 18.98 -6.63
CA GLY A 54 16.18 18.74 -5.75
C GLY A 54 15.60 17.35 -5.92
N VAL A 55 14.54 17.11 -5.15
CA VAL A 55 13.81 15.84 -5.15
C VAL A 55 12.33 16.15 -5.26
N ILE A 56 11.68 15.66 -6.32
CA ILE A 56 10.27 15.91 -6.56
C ILE A 56 9.52 14.59 -6.56
N ILE A 57 8.32 14.60 -5.98
CA ILE A 57 7.40 13.49 -6.07
C ILE A 57 6.51 13.72 -7.30
N GLU A 58 6.31 12.68 -8.09
CA GLU A 58 5.45 12.72 -9.27
C GLU A 58 4.37 11.68 -9.10
N ASN A 59 3.11 12.13 -9.09
CA ASN A 59 1.98 11.23 -8.96
C ASN A 59 1.48 10.82 -10.34
N LYS A 60 1.55 9.53 -10.63
CA LYS A 60 1.19 8.98 -11.93
C LYS A 60 0.20 7.85 -11.73
N PRO A 61 -1.04 8.16 -11.38
CA PRO A 61 -2.00 7.12 -11.04
C PRO A 61 -2.64 6.48 -12.27
N GLY A 62 -3.26 5.34 -12.03
CA GLY A 62 -4.02 4.65 -13.06
C GLY A 62 -3.63 3.20 -13.22
N ALA A 63 -4.62 2.37 -13.59
CA ALA A 63 -4.40 0.97 -13.91
C ALA A 63 -3.66 0.24 -12.78
N GLY A 64 -4.11 0.49 -11.56
CA GLY A 64 -3.52 -0.18 -10.41
C GLY A 64 -2.04 0.09 -10.24
N GLY A 65 -1.57 1.24 -10.69
CA GLY A 65 -0.17 1.59 -10.57
C GLY A 65 0.69 1.18 -11.74
N ASN A 66 0.10 0.64 -12.81
CA ASN A 66 0.90 0.13 -13.93
C ASN A 66 1.35 1.24 -14.87
N ILE A 67 0.60 2.34 -14.97
CA ILE A 67 0.99 3.42 -15.87
C ILE A 67 2.28 4.07 -15.39
N GLY A 68 2.31 4.52 -14.14
CA GLY A 68 3.53 5.08 -13.59
C GLY A 68 4.63 4.06 -13.47
N ALA A 69 4.27 2.79 -13.23
CA ALA A 69 5.26 1.73 -13.17
C ALA A 69 5.93 1.53 -14.52
N ASP A 70 5.14 1.42 -15.59
CA ASP A 70 5.70 1.36 -16.93
C ASP A 70 6.57 2.56 -17.22
N LEU A 71 6.17 3.73 -16.71
CA LEU A 71 6.94 4.95 -16.95
C LEU A 71 8.34 4.83 -16.37
N VAL A 72 8.45 4.43 -15.11
CA VAL A 72 9.76 4.29 -14.49
C VAL A 72 10.52 3.11 -15.10
N PHE A 73 9.80 2.05 -15.49
CA PHE A 73 10.45 0.88 -16.06
C PHE A 73 11.18 1.24 -17.35
N ARG A 74 10.69 2.24 -18.08
CA ARG A 74 11.29 2.68 -19.33
C ARG A 74 12.27 3.82 -19.16
N ALA A 75 12.42 4.33 -17.93
CA ALA A 75 13.26 5.49 -17.70
C ALA A 75 14.74 5.11 -17.76
N PRO A 76 15.62 6.09 -17.97
CA PRO A 76 17.06 5.80 -17.96
C PRO A 76 17.48 5.17 -16.64
N PRO A 77 18.37 4.11 -16.68
CA PRO A 77 18.86 3.45 -15.47
C PRO A 77 19.99 4.22 -14.76
N ASP A 78 19.82 5.53 -14.63
CA ASP A 78 20.81 6.39 -14.01
C ASP A 78 20.50 6.72 -12.56
N GLY A 79 19.41 6.18 -12.01
CA GLY A 79 19.07 6.45 -10.63
C GLY A 79 18.52 7.83 -10.36
N MET A 80 18.13 8.57 -11.40
CA MET A 80 17.46 9.85 -11.22
C MET A 80 15.95 9.74 -11.40
N THR A 81 15.46 8.60 -11.86
CA THR A 81 14.02 8.29 -11.88
C THR A 81 13.82 6.97 -11.16
N VAL A 82 12.95 6.97 -10.14
CA VAL A 82 12.71 5.79 -9.33
C VAL A 82 11.22 5.69 -9.04
N LEU A 83 10.79 4.48 -8.69
CA LEU A 83 9.39 4.18 -8.40
C LEU A 83 9.24 3.88 -6.92
N ALA A 84 8.46 4.70 -6.23
CA ALA A 84 8.06 4.44 -4.84
C ALA A 84 6.63 3.96 -4.85
N SER A 85 6.43 2.67 -4.59
CA SER A 85 5.15 2.04 -4.88
C SER A 85 4.80 1.00 -3.83
N PRO A 86 3.51 0.85 -3.52
CA PRO A 86 3.06 -0.32 -2.76
C PRO A 86 3.16 -1.58 -3.61
N PRO A 87 2.71 -2.74 -3.09
CA PRO A 87 3.13 -4.01 -3.68
C PRO A 87 2.58 -4.30 -5.09
N GLY A 88 1.51 -3.63 -5.53
CA GLY A 88 0.87 -3.97 -6.78
C GLY A 88 1.85 -4.12 -7.93
N PRO A 89 2.47 -3.02 -8.35
CA PRO A 89 3.46 -3.11 -9.44
C PRO A 89 4.76 -3.78 -9.05
N ILE A 90 4.93 -4.13 -7.78
CA ILE A 90 6.21 -4.63 -7.28
C ILE A 90 6.20 -6.15 -7.15
N ALA A 91 5.08 -6.73 -6.71
CA ALA A 91 5.08 -8.13 -6.32
C ALA A 91 3.76 -8.87 -6.57
N ILE A 92 2.73 -8.23 -7.12
CA ILE A 92 1.41 -8.83 -7.26
C ILE A 92 0.93 -8.81 -8.71
N ASN A 93 1.01 -7.65 -9.36
CA ASN A 93 0.29 -7.44 -10.60
C ASN A 93 0.67 -8.47 -11.67
N HIS A 94 1.95 -8.86 -11.73
CA HIS A 94 2.37 -9.76 -12.80
C HIS A 94 1.82 -11.17 -12.62
N ASN A 95 1.30 -11.51 -11.46
CA ASN A 95 0.62 -12.79 -11.24
C ASN A 95 -0.89 -12.67 -11.33
N LEU A 96 -1.40 -11.52 -11.74
CA LEU A 96 -2.84 -11.28 -11.78
C LEU A 96 -3.27 -10.78 -13.15
N TYR A 97 -2.60 -9.74 -13.65
CA TYR A 97 -2.94 -9.20 -14.96
C TYR A 97 -2.57 -10.19 -16.07
N GLN A 98 -3.35 -10.16 -17.14
CA GLN A 98 -3.11 -11.06 -18.25
C GLN A 98 -1.75 -10.79 -18.90
N LYS A 99 -1.44 -9.51 -19.15
CA LYS A 99 -0.16 -9.14 -19.72
C LYS A 99 0.18 -7.71 -19.31
N LEU A 100 1.37 -7.52 -18.75
CA LEU A 100 1.88 -6.22 -18.39
C LEU A 100 2.96 -5.78 -19.37
N SER A 101 3.08 -4.48 -19.56
CA SER A 101 4.13 -3.91 -20.40
C SER A 101 5.48 -3.88 -19.71
N PHE A 102 5.59 -4.44 -18.50
CA PHE A 102 6.84 -4.46 -17.76
C PHE A 102 6.90 -5.74 -16.94
N ASP A 103 8.11 -6.10 -16.53
CA ASP A 103 8.34 -7.33 -15.77
C ASP A 103 8.82 -6.98 -14.38
N PRO A 104 8.01 -7.16 -13.33
CA PRO A 104 8.44 -6.75 -11.99
C PRO A 104 9.67 -7.49 -11.48
N THR A 105 9.97 -8.68 -12.00
CA THR A 105 11.17 -9.39 -11.54
C THR A 105 12.44 -8.71 -12.02
N ARG A 106 12.35 -7.69 -12.86
CA ARG A 106 13.53 -6.99 -13.38
C ARG A 106 13.73 -5.63 -12.72
N TRP A 107 12.84 -5.22 -11.81
CA TRP A 107 13.10 -4.04 -11.01
C TRP A 107 14.45 -4.18 -10.31
N VAL A 108 15.11 -3.05 -10.08
CA VAL A 108 16.35 -3.01 -9.30
C VAL A 108 15.98 -2.54 -7.90
N PRO A 109 15.97 -3.43 -6.90
CA PRO A 109 15.53 -3.02 -5.56
C PRO A 109 16.46 -1.95 -5.00
N VAL A 110 15.85 -0.95 -4.35
CA VAL A 110 16.60 0.05 -3.60
C VAL A 110 16.40 -0.23 -2.11
N THR A 111 15.19 -0.01 -1.60
CA THR A 111 14.91 -0.25 -0.20
C THR A 111 13.41 -0.44 0.01
N ILE A 112 13.07 -0.81 1.25
CA ILE A 112 11.70 -0.83 1.73
C ILE A 112 11.55 0.33 2.72
N LEU A 113 10.60 1.22 2.45
CA LEU A 113 10.40 2.35 3.36
C LEU A 113 9.70 1.91 4.64
N ALA A 114 8.64 1.12 4.51
CA ALA A 114 7.87 0.73 5.68
C ALA A 114 6.92 -0.40 5.34
N THR A 115 6.49 -1.11 6.38
CA THR A 115 5.37 -2.04 6.32
C THR A 115 4.22 -1.46 7.15
N VAL A 116 2.99 -1.71 6.70
CA VAL A 116 1.81 -1.16 7.35
C VAL A 116 0.69 -2.18 7.31
N PRO A 117 -0.04 -2.40 8.39
CA PRO A 117 -1.16 -3.35 8.34
C PRO A 117 -2.38 -2.76 7.67
N ASN A 118 -3.12 -3.63 6.98
CA ASN A 118 -4.41 -3.25 6.44
C ASN A 118 -5.49 -3.43 7.51
N VAL A 119 -6.57 -2.68 7.36
CA VAL A 119 -7.69 -2.67 8.29
C VAL A 119 -8.97 -2.68 7.49
N LEU A 120 -10.08 -3.00 8.17
CA LEU A 120 -11.41 -2.94 7.58
C LEU A 120 -12.05 -1.61 7.96
N VAL A 121 -12.18 -0.72 6.97
CA VAL A 121 -12.79 0.59 7.14
C VAL A 121 -14.20 0.55 6.58
N ILE A 122 -15.15 1.14 7.29
CA ILE A 122 -16.52 1.23 6.82
C ILE A 122 -17.03 2.67 6.98
N ASN A 123 -18.03 3.00 6.19
CA ASN A 123 -18.77 4.24 6.34
C ASN A 123 -19.54 4.21 7.64
N PRO A 124 -19.37 5.19 8.54
CA PRO A 124 -20.03 5.08 9.86
C PRO A 124 -21.54 5.07 9.78
N LYS A 125 -22.14 5.59 8.71
CA LYS A 125 -23.59 5.63 8.61
C LYS A 125 -24.19 4.25 8.36
N LEU A 126 -23.38 3.24 8.06
CA LEU A 126 -23.91 1.89 7.95
C LEU A 126 -24.45 1.45 9.31
N PRO A 127 -25.58 0.74 9.35
CA PRO A 127 -26.11 0.27 10.64
C PRO A 127 -25.30 -0.89 11.21
N VAL A 128 -24.00 -0.67 11.39
CA VAL A 128 -23.07 -1.75 11.70
C VAL A 128 -21.98 -1.19 12.61
N LYS A 129 -21.69 -1.90 13.70
CA LYS A 129 -20.68 -1.47 14.65
C LYS A 129 -19.66 -2.54 15.01
N SER A 130 -19.79 -3.76 14.48
CA SER A 130 -18.83 -4.82 14.73
C SER A 130 -18.61 -5.62 13.45
N LEU A 131 -17.59 -6.49 13.48
CA LEU A 131 -17.33 -7.37 12.35
C LEU A 131 -18.51 -8.32 12.12
N GLY A 132 -18.98 -8.97 13.19
CA GLY A 132 -20.09 -9.90 13.05
C GLY A 132 -21.29 -9.27 12.39
N GLU A 133 -21.64 -8.05 12.82
CA GLU A 133 -22.77 -7.36 12.20
C GLU A 133 -22.50 -7.08 10.72
N PHE A 134 -21.26 -6.71 10.38
CA PHE A 134 -20.95 -6.42 8.99
C PHE A 134 -21.08 -7.68 8.13
N ILE A 135 -20.51 -8.78 8.59
CA ILE A 135 -20.58 -10.03 7.84
C ILE A 135 -22.04 -10.39 7.56
N ALA A 136 -22.88 -10.32 8.59
CA ALA A 136 -24.30 -10.59 8.39
C ALA A 136 -24.93 -9.56 7.46
N TYR A 137 -24.54 -8.30 7.60
CA TYR A 137 -25.09 -7.25 6.74
C TYR A 137 -24.77 -7.49 5.28
N ALA A 138 -23.60 -8.05 4.99
CA ALA A 138 -23.25 -8.36 3.60
C ALA A 138 -23.91 -9.65 3.13
N LYS A 139 -23.99 -10.65 4.00
CA LYS A 139 -24.58 -11.92 3.61
C LYS A 139 -26.07 -11.78 3.30
N ALA A 140 -26.76 -10.84 3.95
CA ALA A 140 -28.18 -10.66 3.70
C ALA A 140 -28.45 -10.26 2.26
N ASN A 141 -27.56 -9.47 1.67
CA ASN A 141 -27.69 -9.02 0.28
C ASN A 141 -26.35 -9.24 -0.43
N PRO A 142 -26.11 -10.42 -0.97
CA PRO A 142 -24.88 -10.65 -1.74
C PRO A 142 -24.75 -9.64 -2.87
N LYS A 143 -23.53 -9.15 -3.09
CA LYS A 143 -23.17 -8.25 -4.17
C LYS A 143 -23.55 -6.80 -3.86
N LYS A 144 -24.38 -6.54 -2.86
CA LYS A 144 -24.85 -5.18 -2.63
C LYS A 144 -23.80 -4.32 -1.95
N VAL A 145 -23.08 -4.86 -0.98
CA VAL A 145 -22.07 -4.09 -0.26
C VAL A 145 -20.87 -3.87 -1.17
N THR A 146 -20.55 -2.61 -1.43
CA THR A 146 -19.45 -2.25 -2.31
C THR A 146 -18.18 -2.03 -1.51
N VAL A 147 -17.06 -2.54 -2.02
CA VAL A 147 -15.77 -2.42 -1.37
C VAL A 147 -14.84 -1.69 -2.32
N ALA A 148 -14.30 -0.56 -1.86
CA ALA A 148 -13.33 0.18 -2.65
C ALA A 148 -11.98 -0.54 -2.66
N THR A 149 -11.21 -0.31 -3.72
CA THR A 149 -9.83 -0.76 -3.78
C THR A 149 -8.98 0.37 -4.34
N GLN A 150 -7.67 0.23 -4.14
CA GLN A 150 -6.69 1.15 -4.70
C GLN A 150 -6.33 0.80 -6.13
N GLY A 151 -7.06 -0.13 -6.75
CA GLY A 151 -6.75 -0.62 -8.07
C GLY A 151 -6.59 -2.13 -8.06
N ASP A 152 -6.85 -2.78 -9.20
CA ASP A 152 -6.63 -4.21 -9.30
C ASP A 152 -5.19 -4.56 -8.95
N GLY A 153 -5.03 -5.60 -8.13
CA GLY A 153 -3.71 -6.04 -7.72
C GLY A 153 -3.16 -5.36 -6.48
N SER A 154 -3.82 -4.32 -5.99
CA SER A 154 -3.41 -3.72 -4.74
C SER A 154 -3.75 -4.65 -3.57
N THR A 155 -3.09 -4.43 -2.44
CA THR A 155 -3.33 -5.27 -1.28
C THR A 155 -4.76 -5.12 -0.78
N SER A 156 -5.35 -3.94 -0.92
CA SER A 156 -6.75 -3.76 -0.53
C SER A 156 -7.66 -4.64 -1.39
N HIS A 157 -7.32 -4.79 -2.67
CA HIS A 157 -8.07 -5.70 -3.53
C HIS A 157 -7.94 -7.13 -3.01
N LEU A 158 -6.70 -7.62 -2.86
CA LEU A 158 -6.50 -8.99 -2.42
C LEU A 158 -6.98 -9.19 -0.98
N THR A 159 -6.87 -8.18 -0.13
CA THR A 159 -7.39 -8.32 1.23
C THR A 159 -8.91 -8.44 1.24
N ALA A 160 -9.60 -7.69 0.37
CA ALA A 160 -11.04 -7.84 0.25
C ALA A 160 -11.40 -9.24 -0.23
N ALA A 161 -10.72 -9.71 -1.29
CA ALA A 161 -10.96 -11.06 -1.77
C ALA A 161 -10.65 -12.09 -0.69
N MET A 162 -9.55 -11.89 0.03
CA MET A 162 -9.23 -12.75 1.16
C MET A 162 -10.38 -12.79 2.16
N PHE A 163 -10.93 -11.61 2.48
CA PHE A 163 -12.04 -11.53 3.43
C PHE A 163 -13.26 -12.30 2.93
N MET A 164 -13.60 -12.15 1.64
CA MET A 164 -14.79 -12.82 1.11
C MET A 164 -14.61 -14.34 1.15
N GLN A 165 -13.41 -14.82 0.84
CA GLN A 165 -13.17 -16.26 0.88
C GLN A 165 -13.41 -16.83 2.27
N LEU A 166 -12.93 -16.13 3.31
CA LEU A 166 -13.02 -16.67 4.66
C LEU A 166 -14.42 -16.54 5.24
N THR A 167 -15.15 -15.48 4.89
CA THR A 167 -16.44 -15.21 5.51
C THR A 167 -17.62 -15.68 4.68
N GLY A 168 -17.42 -15.99 3.40
CA GLY A 168 -18.55 -16.32 2.55
C GLY A 168 -19.38 -15.14 2.14
N THR A 169 -18.86 -13.92 2.30
CA THR A 169 -19.56 -12.73 1.84
C THR A 169 -19.19 -12.44 0.38
N GLU A 170 -20.04 -11.68 -0.28
CA GLU A 170 -19.84 -11.30 -1.67
C GLU A 170 -19.97 -9.79 -1.77
N LEU A 171 -18.84 -9.11 -1.96
CA LEU A 171 -18.79 -7.67 -2.08
C LEU A 171 -18.45 -7.30 -3.52
N THR A 172 -19.05 -6.22 -4.01
CA THR A 172 -18.79 -5.74 -5.37
C THR A 172 -17.60 -4.78 -5.34
N VAL A 173 -16.56 -5.13 -6.10
CA VAL A 173 -15.31 -4.39 -6.08
C VAL A 173 -15.45 -3.12 -6.90
N ILE A 174 -15.01 -1.99 -6.32
CA ILE A 174 -14.98 -0.72 -7.02
C ILE A 174 -13.55 -0.19 -6.98
N PRO A 175 -12.81 -0.23 -8.09
CA PRO A 175 -11.43 0.25 -8.06
C PRO A 175 -11.33 1.77 -8.12
N TYR A 176 -10.27 2.27 -7.49
CA TYR A 176 -9.95 3.69 -7.48
C TYR A 176 -8.48 3.87 -7.86
N LYS A 177 -8.13 5.10 -8.21
CA LYS A 177 -6.75 5.42 -8.54
C LYS A 177 -5.85 5.51 -7.32
N GLY A 178 -6.38 5.27 -6.12
CA GLY A 178 -5.57 5.31 -4.92
C GLY A 178 -6.45 5.31 -3.69
N THR A 179 -5.78 5.30 -2.54
CA THR A 179 -6.48 5.38 -1.27
C THR A 179 -7.26 6.69 -1.15
N ALA A 180 -6.66 7.80 -1.56
CA ALA A 180 -7.23 9.11 -1.27
C ALA A 180 -8.62 9.29 -1.88
N PRO A 181 -8.82 9.12 -3.19
CA PRO A 181 -10.19 9.23 -3.73
C PRO A 181 -11.14 8.18 -3.17
N ALA A 182 -10.61 7.02 -2.79
CA ALA A 182 -11.47 5.98 -2.22
C ALA A 182 -12.04 6.41 -0.88
N LEU A 183 -11.21 7.01 -0.02
CA LEU A 183 -11.70 7.48 1.27
C LEU A 183 -12.71 8.61 1.10
N ILE A 184 -12.46 9.52 0.17
CA ILE A 184 -13.41 10.61 -0.10
C ILE A 184 -14.80 10.04 -0.36
N ASP A 185 -14.88 9.06 -1.26
CA ASP A 185 -16.16 8.44 -1.58
C ASP A 185 -16.71 7.64 -0.41
N LEU A 186 -15.85 6.92 0.31
CA LEU A 186 -16.32 6.15 1.46
C LEU A 186 -16.98 7.06 2.49
N ILE A 187 -16.31 8.18 2.83
CA ILE A 187 -16.86 9.10 3.80
C ILE A 187 -18.15 9.74 3.27
N GLY A 188 -18.19 10.03 1.97
CA GLY A 188 -19.36 10.60 1.35
C GLY A 188 -20.50 9.66 1.09
N GLY A 189 -20.42 8.43 1.61
CA GLY A 189 -21.50 7.48 1.46
C GLY A 189 -21.68 6.90 0.07
N ASN A 190 -20.64 6.96 -0.77
CA ASN A 190 -20.73 6.47 -2.13
C ASN A 190 -20.09 5.10 -2.32
N VAL A 191 -19.32 4.63 -1.33
CA VAL A 191 -18.80 3.27 -1.31
C VAL A 191 -18.78 2.82 0.15
N ASP A 192 -19.08 1.55 0.38
CA ASP A 192 -19.42 1.10 1.73
C ASP A 192 -18.19 0.81 2.58
N VAL A 193 -17.33 -0.11 2.12
CA VAL A 193 -16.18 -0.54 2.92
C VAL A 193 -14.92 -0.43 2.08
N PHE A 194 -13.78 -0.63 2.74
CA PHE A 194 -12.47 -0.38 2.15
C PHE A 194 -11.44 -1.04 3.04
N PHE A 195 -10.68 -1.99 2.49
CA PHE A 195 -9.60 -2.63 3.24
C PHE A 195 -8.30 -1.86 3.02
N ASP A 196 -8.32 -0.62 3.51
CA ASP A 196 -7.21 0.32 3.42
C ASP A 196 -6.14 -0.03 4.46
N ASN A 197 -4.96 0.57 4.30
CA ASN A 197 -3.93 0.45 5.32
C ASN A 197 -4.20 1.44 6.45
N ILE A 198 -3.75 1.08 7.65
CA ILE A 198 -4.15 1.82 8.84
C ILE A 198 -3.66 3.27 8.78
N SER A 199 -2.53 3.51 8.12
CA SER A 199 -1.91 4.83 8.18
C SER A 199 -2.84 5.91 7.63
N SER A 200 -3.47 5.63 6.48
CA SER A 200 -4.28 6.66 5.84
C SER A 200 -5.68 6.76 6.45
N SER A 201 -6.19 5.68 7.04
CA SER A 201 -7.54 5.66 7.56
C SER A 201 -7.64 6.08 9.01
N ALA A 202 -6.57 5.94 9.79
CA ALA A 202 -6.63 6.30 11.20
C ALA A 202 -6.94 7.78 11.38
N THR A 203 -6.38 8.63 10.51
CA THR A 203 -6.63 10.07 10.61
C THR A 203 -8.12 10.37 10.64
N TYR A 204 -8.89 9.67 9.80
CA TYR A 204 -10.33 9.92 9.74
C TYR A 204 -11.09 9.23 10.86
N HIS A 205 -10.60 8.09 11.33
CA HIS A 205 -11.29 7.35 12.39
C HIS A 205 -11.35 8.17 13.67
N GLN A 206 -10.27 8.88 13.99
CA GLN A 206 -10.25 9.67 15.21
C GLN A 206 -11.28 10.79 15.16
N ALA A 207 -11.48 11.39 13.99
CA ALA A 207 -12.45 12.46 13.83
C ALA A 207 -13.87 11.95 13.62
N GLY A 208 -14.08 10.64 13.68
CA GLY A 208 -15.41 10.07 13.46
C GLY A 208 -15.84 10.03 12.02
N LYS A 209 -14.94 10.29 11.08
CA LYS A 209 -15.31 10.31 9.66
C LYS A 209 -15.47 8.91 9.10
N VAL A 210 -14.76 7.93 9.64
CA VAL A 210 -14.93 6.53 9.27
C VAL A 210 -14.94 5.69 10.55
N ARG A 211 -15.30 4.42 10.39
CA ARG A 211 -15.23 3.45 11.48
C ARG A 211 -14.35 2.30 11.01
N ILE A 212 -13.32 1.99 11.79
CA ILE A 212 -12.42 0.87 11.51
C ILE A 212 -12.80 -0.26 12.45
N LEU A 213 -13.14 -1.41 11.87
CA LEU A 213 -13.64 -2.52 12.65
C LEU A 213 -12.56 -3.46 13.15
N ALA A 214 -11.45 -3.60 12.42
CA ALA A 214 -10.44 -4.58 12.81
C ALA A 214 -9.16 -4.33 12.03
N VAL A 215 -8.06 -4.86 12.57
CA VAL A 215 -6.74 -4.77 11.98
C VAL A 215 -6.33 -6.17 11.53
N ALA A 216 -5.86 -6.28 10.29
CA ALA A 216 -5.47 -7.58 9.73
C ALA A 216 -4.00 -7.85 10.03
N ASP A 217 -3.73 -8.06 11.31
CA ASP A 217 -2.37 -8.28 11.79
C ASP A 217 -2.43 -9.09 13.07
N GLU A 218 -1.28 -9.60 13.50
CA GLU A 218 -1.20 -10.43 14.69
C GLU A 218 -1.31 -9.61 15.98
N GLN A 219 -0.97 -8.32 15.93
CA GLN A 219 -1.05 -7.45 17.08
C GLN A 219 -1.83 -6.19 16.72
N ARG A 220 -2.47 -5.61 17.73
CA ARG A 220 -3.08 -4.30 17.55
C ARG A 220 -2.01 -3.25 17.22
N SER A 221 -2.47 -2.13 16.69
CA SER A 221 -1.62 -0.97 16.44
C SER A 221 -1.88 0.06 17.53
N GLN A 222 -0.80 0.68 18.01
CA GLN A 222 -0.91 1.59 19.14
C GLN A 222 -1.51 2.95 18.77
N ILE A 223 -1.73 3.22 17.49
CA ILE A 223 -2.42 4.45 17.12
C ILE A 223 -3.93 4.27 17.19
N LEU A 224 -4.43 3.04 17.16
CA LEU A 224 -5.84 2.72 17.37
C LEU A 224 -5.92 1.63 18.42
N PRO A 225 -5.64 1.97 19.68
CA PRO A 225 -5.53 0.91 20.71
C PRO A 225 -6.80 0.12 20.92
N GLN A 226 -7.97 0.71 20.63
CA GLN A 226 -9.25 0.06 20.89
C GLN A 226 -9.74 -0.81 19.75
N VAL A 227 -9.11 -0.72 18.57
CA VAL A 227 -9.54 -1.50 17.40
C VAL A 227 -8.90 -2.88 17.49
N PRO A 228 -9.69 -3.95 17.58
CA PRO A 228 -9.09 -5.29 17.73
C PRO A 228 -8.57 -5.83 16.41
N THR A 229 -7.68 -6.80 16.53
CA THR A 229 -7.25 -7.56 15.36
C THR A 229 -8.38 -8.47 14.89
N PHE A 230 -8.34 -8.81 13.60
CA PHE A 230 -9.22 -9.88 13.11
C PHE A 230 -9.04 -11.15 13.92
N ALA A 231 -7.79 -11.47 14.26
CA ALA A 231 -7.52 -12.68 15.03
C ALA A 231 -8.23 -12.66 16.37
N GLU A 232 -8.21 -11.51 17.05
CA GLU A 232 -8.95 -11.36 18.30
C GLU A 232 -10.44 -11.64 18.08
N GLN A 233 -10.99 -11.19 16.97
CA GLN A 233 -12.38 -11.43 16.61
C GLN A 233 -12.61 -12.83 16.06
N GLN A 234 -11.60 -13.71 16.13
CA GLN A 234 -11.71 -15.10 15.70
C GLN A 234 -11.76 -15.21 14.17
N TRP A 235 -10.94 -14.40 13.51
CA TRP A 235 -10.68 -14.54 12.07
C TRP A 235 -9.18 -14.47 11.84
N PRO A 236 -8.42 -15.39 12.44
CA PRO A 236 -6.96 -15.26 12.42
C PRO A 236 -6.35 -15.41 11.04
N ALA A 237 -7.10 -15.93 10.06
CA ALA A 237 -6.58 -16.03 8.70
C ALA A 237 -6.56 -14.68 8.00
N MET A 238 -7.16 -13.64 8.58
CA MET A 238 -7.08 -12.29 8.02
C MET A 238 -5.76 -11.67 8.48
N GLN A 239 -4.72 -11.89 7.66
CA GLN A 239 -3.40 -11.31 7.88
C GLN A 239 -3.00 -10.64 6.58
N ALA A 240 -2.98 -9.32 6.57
CA ALA A 240 -2.69 -8.57 5.34
C ALA A 240 -1.92 -7.33 5.71
N VAL A 241 -0.59 -7.40 5.60
CA VAL A 241 0.31 -6.28 5.84
C VAL A 241 0.92 -5.88 4.51
N THR A 242 0.79 -4.60 4.16
CA THR A 242 1.37 -4.07 2.93
C THR A 242 2.73 -3.45 3.24
N PHE A 243 3.42 -3.04 2.17
CA PHE A 243 4.75 -2.48 2.30
C PHE A 243 4.98 -1.53 1.14
N PHE A 244 5.85 -0.54 1.36
CA PHE A 244 6.12 0.49 0.38
C PHE A 244 7.60 0.44 0.00
N SER A 245 7.85 0.15 -1.26
CA SER A 245 9.19 -0.11 -1.77
C SER A 245 9.67 1.03 -2.64
N VAL A 246 10.98 1.13 -2.77
CA VAL A 246 11.62 2.01 -3.74
C VAL A 246 12.41 1.11 -4.68
N VAL A 247 12.14 1.22 -5.97
CA VAL A 247 12.81 0.41 -6.98
C VAL A 247 13.29 1.32 -8.11
N ALA A 248 14.42 0.96 -8.69
CA ALA A 248 15.00 1.68 -9.80
C ALA A 248 14.77 0.92 -11.09
N PRO A 249 14.80 1.62 -12.23
CA PRO A 249 14.49 0.97 -13.50
C PRO A 249 15.42 -0.20 -13.77
N PRO A 250 15.01 -1.16 -14.59
CA PRO A 250 15.92 -2.25 -14.95
C PRO A 250 17.20 -1.70 -15.56
N GLY A 251 18.33 -2.30 -15.19
CA GLY A 251 19.63 -1.89 -15.66
C GLY A 251 20.37 -0.96 -14.73
N THR A 252 19.70 -0.39 -13.74
CA THR A 252 20.36 0.49 -12.79
C THR A 252 21.47 -0.26 -12.07
N SER A 253 22.64 0.35 -11.97
CA SER A 253 23.79 -0.33 -11.37
C SER A 253 23.58 -0.51 -9.87
N ALA A 254 24.23 -1.54 -9.32
CA ALA A 254 24.14 -1.81 -7.90
C ALA A 254 24.70 -0.66 -7.07
N GLU A 255 25.73 0.02 -7.56
CA GLU A 255 26.30 1.15 -6.83
C GLU A 255 25.26 2.25 -6.66
N ILE A 256 24.57 2.60 -7.75
CA ILE A 256 23.58 3.68 -7.69
C ILE A 256 22.44 3.32 -6.76
N ALA A 257 21.93 2.09 -6.88
CA ALA A 257 20.85 1.65 -6.02
C ALA A 257 21.26 1.67 -4.56
N GLN A 258 22.51 1.28 -4.27
CA GLN A 258 22.98 1.25 -2.89
C GLN A 258 23.16 2.66 -2.34
N LYS A 259 23.78 3.55 -3.12
CA LYS A 259 23.95 4.93 -2.67
C LYS A 259 22.60 5.57 -2.37
N LEU A 260 21.58 5.25 -3.16
CA LEU A 260 20.27 5.83 -2.92
C LEU A 260 19.62 5.22 -1.68
N GLN A 261 19.79 3.91 -1.46
CA GLN A 261 19.21 3.29 -0.29
C GLN A 261 19.87 3.81 0.99
N LYS A 262 21.18 4.08 0.94
CA LYS A 262 21.84 4.66 2.10
C LYS A 262 21.30 6.05 2.40
N GLN A 263 21.13 6.88 1.37
CA GLN A 263 20.52 8.20 1.57
C GLN A 263 19.18 8.07 2.27
N MET A 264 18.34 7.12 1.84
CA MET A 264 17.01 6.99 2.41
C MET A 264 17.06 6.32 3.78
N ALA A 265 17.95 5.34 3.96
CA ALA A 265 18.11 4.74 5.28
C ALA A 265 18.56 5.78 6.30
N LEU A 266 19.37 6.75 5.88
CA LEU A 266 19.70 7.86 6.76
C LEU A 266 18.46 8.66 7.11
N ALA A 267 17.61 8.94 6.12
CA ALA A 267 16.37 9.67 6.38
C ALA A 267 15.48 8.89 7.34
N LEU A 268 15.32 7.58 7.11
CA LEU A 268 14.42 6.78 7.92
C LEU A 268 14.89 6.62 9.35
N SER A 269 16.16 6.87 9.64
CA SER A 269 16.68 6.72 10.99
C SER A 269 16.55 7.99 11.83
N SER A 270 16.21 9.12 11.23
CA SER A 270 16.10 10.36 11.98
C SER A 270 14.88 10.34 12.88
N ASN A 271 14.94 11.12 13.96
CA ASN A 271 13.81 11.22 14.88
C ASN A 271 12.56 11.72 14.18
N ASP A 272 12.70 12.74 13.33
CA ASP A 272 11.52 13.35 12.72
C ASP A 272 10.76 12.35 11.86
N ILE A 273 11.47 11.55 11.06
CA ILE A 273 10.80 10.59 10.20
C ILE A 273 10.23 9.43 11.01
N ARG A 274 11.01 8.91 11.95
CA ARG A 274 10.48 7.86 12.82
C ARG A 274 9.23 8.33 13.55
N LYS A 275 9.19 9.60 13.96
CA LYS A 275 8.02 10.11 14.66
C LYS A 275 6.80 10.13 13.73
N HIS A 276 6.94 10.68 12.53
CA HIS A 276 5.81 10.72 11.61
C HIS A 276 5.37 9.33 11.21
N PHE A 277 6.32 8.44 10.91
CA PHE A 277 5.98 7.07 10.59
C PHE A 277 5.28 6.38 11.76
N GLN A 278 5.88 6.47 12.94
CA GLN A 278 5.30 5.83 14.13
C GLN A 278 3.87 6.33 14.36
N GLU A 279 3.62 7.61 14.14
CA GLU A 279 2.34 8.21 14.53
C GLU A 279 1.21 7.84 13.58
N GLN A 280 1.49 7.30 12.39
CA GLN A 280 0.44 6.74 11.55
C GLN A 280 0.65 5.25 11.35
N GLY A 281 1.25 4.59 12.34
CA GLY A 281 1.30 3.14 12.36
C GLY A 281 2.19 2.51 11.32
N ALA A 282 3.10 3.28 10.72
CA ALA A 282 4.04 2.74 9.76
C ALA A 282 5.33 2.31 10.46
N VAL A 283 5.86 1.16 10.05
CA VAL A 283 7.06 0.58 10.65
C VAL A 283 8.24 0.90 9.73
N PRO A 284 9.14 1.81 10.12
CA PRO A 284 10.27 2.12 9.23
C PRO A 284 11.22 0.95 9.10
N CYS A 285 11.66 0.70 7.87
CA CYS A 285 12.55 -0.42 7.58
C CYS A 285 13.90 0.15 7.16
N GLY A 286 14.14 0.37 5.87
CA GLY A 286 15.42 0.89 5.42
C GLY A 286 16.46 -0.14 5.09
N TRP A 287 16.04 -1.38 4.78
CA TRP A 287 16.99 -2.46 4.55
C TRP A 287 17.80 -2.22 3.28
N ASP A 288 18.96 -2.88 3.21
CA ASP A 288 19.83 -2.76 2.06
C ASP A 288 19.15 -3.42 0.86
N PRO A 289 19.65 -3.16 -0.35
CA PRO A 289 18.94 -3.67 -1.54
C PRO A 289 18.82 -5.18 -1.58
N SER A 290 19.78 -5.90 -0.98
CA SER A 290 19.77 -7.36 -1.04
C SER A 290 18.69 -7.93 -0.12
N LYS A 291 18.60 -7.44 1.12
CA LYS A 291 17.49 -7.84 1.98
C LYS A 291 16.16 -7.39 1.40
N THR A 292 16.11 -6.18 0.85
CA THR A 292 14.92 -5.72 0.13
C THR A 292 14.54 -6.72 -0.95
N ALA A 293 15.52 -7.17 -1.73
CA ALA A 293 15.24 -8.09 -2.82
C ALA A 293 14.61 -9.38 -2.29
N GLN A 294 15.20 -9.97 -1.24
CA GLN A 294 14.61 -11.16 -0.64
C GLN A 294 13.18 -10.90 -0.19
N PHE A 295 12.97 -9.83 0.57
CA PHE A 295 11.65 -9.52 1.09
C PHE A 295 10.62 -9.46 -0.03
N ILE A 296 10.96 -8.84 -1.15
CA ILE A 296 10.02 -8.76 -2.27
C ILE A 296 9.73 -10.16 -2.81
N ARG A 297 10.74 -11.03 -2.82
CA ARG A 297 10.50 -12.41 -3.22
C ARG A 297 9.55 -13.10 -2.25
N GLN A 298 9.80 -12.95 -0.95
CA GLN A 298 8.92 -13.54 0.05
C GLN A 298 7.49 -13.03 -0.11
N GLU A 299 7.33 -11.72 -0.29
CA GLU A 299 6.00 -11.15 -0.42
C GLU A 299 5.35 -11.54 -1.73
N THR A 300 6.12 -11.54 -2.82
CA THR A 300 5.59 -11.99 -4.10
C THR A 300 4.98 -13.39 -3.98
N GLU A 301 5.68 -14.28 -3.28
CA GLU A 301 5.17 -15.63 -3.08
C GLU A 301 3.93 -15.62 -2.18
N LYS A 302 3.98 -14.84 -1.10
CA LYS A 302 2.85 -14.77 -0.18
C LYS A 302 1.56 -14.39 -0.90
N TRP A 303 1.57 -13.27 -1.64
CA TRP A 303 0.35 -12.79 -2.29
C TRP A 303 -0.06 -13.71 -3.43
N LYS A 304 0.89 -14.38 -4.08
CA LYS A 304 0.55 -15.34 -5.11
C LYS A 304 -0.35 -16.43 -4.54
N LYS A 305 -0.05 -16.89 -3.33
CA LYS A 305 -0.91 -17.88 -2.68
C LYS A 305 -2.29 -17.30 -2.37
N VAL A 306 -2.34 -16.05 -1.93
CA VAL A 306 -3.64 -15.42 -1.70
C VAL A 306 -4.44 -15.35 -3.00
N LEU A 307 -3.76 -15.04 -4.11
CA LEU A 307 -4.44 -15.01 -5.40
C LEU A 307 -5.11 -16.34 -5.70
N LYS A 308 -4.39 -17.45 -5.49
CA LYS A 308 -4.97 -18.76 -5.76
C LYS A 308 -6.08 -19.09 -4.77
N ALA A 309 -5.83 -18.88 -3.47
CA ALA A 309 -6.76 -19.35 -2.45
C ALA A 309 -8.09 -18.61 -2.50
N ALA A 310 -8.09 -17.34 -2.92
CA ALA A 310 -9.31 -16.55 -3.00
C ALA A 310 -9.74 -16.31 -4.44
N ASN A 311 -9.21 -17.10 -5.39
CA ASN A 311 -9.16 -16.78 -6.81
C ASN A 311 -9.68 -15.39 -7.13
N VAL A 312 -8.76 -14.45 -7.33
CA VAL A 312 -9.08 -13.05 -7.54
C VAL A 312 -9.17 -12.78 -9.03
N LYS A 313 -9.73 -11.62 -9.39
CA LYS A 313 -9.80 -11.19 -10.78
C LYS A 313 -9.98 -9.68 -10.85
C01 UB7 B . -2.19 1.00 -2.84
C02 UB7 B . -2.37 2.38 -2.93
C03 UB7 B . -2.06 3.18 -1.85
C04 UB7 B . -1.57 2.63 -0.68
C05 UB7 B . -1.39 1.26 -0.59
C06 UB7 B . -1.70 0.44 -1.66
C07 UB7 B . -1.51 -1.06 -1.56
C10 UB7 B . -2.26 4.70 -1.95
O08 UB7 B . -1.46 -1.79 -2.59
O09 UB7 B . -1.41 -1.58 -0.41
O11 UB7 B . -3.03 5.18 -2.83
O12 UB7 B . -1.69 5.47 -1.13
H011 UB7 B . -2.40 0.46 -3.56
H021 UB7 B . -2.69 2.76 -3.72
H041 UB7 B . -1.36 3.18 0.05
H051 UB7 B . -1.07 0.89 0.20
#